data_5G6D
#
_entry.id   5G6D
#
_cell.length_a   80.680
_cell.length_b   95.170
_cell.length_c   62.230
_cell.angle_alpha   90.00
_cell.angle_beta   90.00
_cell.angle_gamma   90.00
#
_symmetry.space_group_name_H-M   'P 21 21 2'
#
loop_
_entity.id
_entity.type
_entity.pdbx_description
1 polymer 'NITRIC OXIDE SYNTHASE OXYGENASE'
2 non-polymer 'PROTOPORPHYRIN IX CONTAINING FE'
3 non-polymer 5,6,7,8-TETRAHYDROBIOPTERIN
4 non-polymer 'CHLORIDE ION'
5 non-polymer 7-[[[3-(dimethylamino)phenyl]methylamino]methyl]quinolin-2-amine
6 non-polymer GLYCEROL
7 water water
#
_entity_poly.entity_id   1
_entity_poly.type   'polypeptide(L)'
_entity_poly.pdbx_seq_one_letter_code
;MEEKEILWNEAKAFIAACYQELGKAAEVKDRLADIKSEIDLTGSYVHTKEELEHGAKMAWRNSNRCIGRLFWNSLNVIDR
RDVRTKEEVRDALFHHIETATNNGKIRPTITIFPPEEKGEKQVEIWNHQLIRYAGYESDGERIGDPASCSLTAACEELGW
RGERTDFDLLPLIFRMKGDEQPVWYELPRSLVIEVPITHPDIEAFSDLELKWYGVPIISDMKLEVGGIHYNAAPFNGWYM
GTEIGARNLADEKRYDKLKKVASVIGIAADYNTDLWKDQALVELNKAVLHSYKKQGVSIVDHHTAASQFKRFEEQAEEAG
RKLTGDWTWLIPPISPAATHIFHRSYDNSIVKPNYFYQDKPYE
;
_entity_poly.pdbx_strand_id   A
#
loop_
_chem_comp.id
_chem_comp.type
_chem_comp.name
_chem_comp.formula
CL non-polymer 'CHLORIDE ION' 'Cl -1'
GOL non-polymer GLYCEROL 'C3 H8 O3'
H4B non-polymer 5,6,7,8-TETRAHYDROBIOPTERIN 'C9 H15 N5 O3'
HEM non-polymer 'PROTOPORPHYRIN IX CONTAINING FE' 'C34 H32 Fe N4 O4'
JHT non-polymer 7-[[[3-(dimethylamino)phenyl]methylamino]methyl]quinolin-2-amine 'C19 H22 N4'
#
# COMPACT_ATOMS: atom_id res chain seq x y z
N GLU A 2 16.25 -1.91 28.90
CA GLU A 2 16.76 -2.52 27.68
C GLU A 2 15.85 -2.19 26.48
N GLU A 3 14.56 -2.47 26.62
CA GLU A 3 13.59 -2.06 25.61
C GLU A 3 13.14 -0.63 25.95
N LYS A 4 13.07 -0.36 27.25
CA LYS A 4 12.67 0.94 27.76
C LYS A 4 13.62 2.03 27.27
N GLU A 5 14.87 1.64 27.06
CA GLU A 5 15.91 2.55 26.58
C GLU A 5 15.80 2.86 25.09
N ILE A 6 15.68 1.81 24.28
CA ILE A 6 15.44 1.99 22.86
C ILE A 6 14.19 2.84 22.68
N LEU A 7 13.15 2.54 23.47
CA LEU A 7 11.87 3.24 23.36
C LEU A 7 12.05 4.72 23.66
N TRP A 8 12.68 5.01 24.79
CA TRP A 8 12.86 6.38 25.25
C TRP A 8 13.68 7.19 24.23
N ASN A 9 14.71 6.56 23.68
CA ASN A 9 15.56 7.23 22.69
C ASN A 9 14.77 7.58 21.43
N GLU A 10 13.97 6.63 20.96
CA GLU A 10 13.19 6.86 19.76
C GLU A 10 12.15 7.94 20.04
N ALA A 11 11.60 7.92 21.25
CA ALA A 11 10.59 8.88 21.69
C ALA A 11 11.11 10.32 21.70
N LYS A 12 12.28 10.50 22.29
CA LYS A 12 12.94 11.80 22.32
C LYS A 12 13.16 12.33 20.92
N ALA A 13 13.67 11.48 20.02
CA ALA A 13 13.98 11.93 18.69
C ALA A 13 12.71 12.28 17.91
N PHE A 14 11.65 11.49 18.13
CA PHE A 14 10.42 11.72 17.40
C PHE A 14 9.66 12.95 17.92
N ILE A 15 9.53 13.06 19.24
CA ILE A 15 8.77 14.17 19.82
C ILE A 15 9.40 15.53 19.45
N ALA A 16 10.72 15.60 19.56
CA ALA A 16 11.45 16.81 19.19
C ALA A 16 11.17 17.20 17.74
N ALA A 17 11.27 16.25 16.81
CA ALA A 17 11.10 16.55 15.40
C ALA A 17 9.66 16.90 15.09
N CYS A 18 8.73 16.13 15.66
CA CYS A 18 7.32 16.29 15.36
C CYS A 18 6.80 17.63 15.88
N TYR A 19 7.16 17.98 17.10
CA TYR A 19 6.69 19.23 17.69
C TYR A 19 7.35 20.45 17.04
N GLN A 20 8.59 20.28 16.57
CA GLN A 20 9.26 21.33 15.82
C GLN A 20 8.48 21.63 14.54
N GLU A 21 8.04 20.56 13.87
CA GLU A 21 7.30 20.69 12.62
C GLU A 21 5.91 21.28 12.84
N LEU A 22 5.32 21.01 14.00
CA LEU A 22 3.98 21.51 14.33
C LEU A 22 4.04 22.87 15.04
N GLY A 23 5.23 23.47 15.12
CA GLY A 23 5.42 24.71 15.86
C GLY A 23 5.19 24.63 17.38
N LYS A 24 5.27 23.43 17.94
CA LYS A 24 4.98 23.21 19.35
C LYS A 24 6.25 22.98 20.18
N ALA A 25 7.38 23.50 19.72
CA ALA A 25 8.67 23.16 20.32
C ALA A 25 8.79 23.50 21.80
N ALA A 26 7.96 24.44 22.27
CA ALA A 26 7.97 24.84 23.68
C ALA A 26 7.45 23.74 24.58
N GLU A 27 6.61 22.88 24.02
CA GLU A 27 5.89 21.87 24.78
C GLU A 27 6.66 20.56 24.84
N VAL A 28 7.77 20.51 24.11
CA VAL A 28 8.57 19.30 24.03
C VAL A 28 9.07 18.87 25.41
N LYS A 29 9.57 19.81 26.19
CA LYS A 29 10.21 19.46 27.45
C LYS A 29 9.23 18.78 28.43
N ASP A 30 8.04 19.35 28.57
CA ASP A 30 7.02 18.81 29.45
C ASP A 30 6.42 17.50 28.91
N ARG A 31 6.26 17.42 27.59
CA ARG A 31 5.73 16.20 26.99
C ARG A 31 6.75 15.05 27.21
N LEU A 32 8.02 15.35 26.98
CA LEU A 32 9.08 14.37 27.20
C LEU A 32 9.12 13.94 28.66
N ALA A 33 8.87 14.88 29.56
CA ALA A 33 8.80 14.57 30.99
C ALA A 33 7.75 13.50 31.25
N ASP A 34 6.54 13.74 30.76
CA ASP A 34 5.41 12.83 30.98
C ASP A 34 5.69 11.45 30.38
N ILE A 35 6.27 11.46 29.18
CA ILE A 35 6.61 10.21 28.48
C ILE A 35 7.62 9.40 29.29
N LYS A 36 8.61 10.08 29.87
CA LYS A 36 9.66 9.39 30.60
C LYS A 36 9.06 8.62 31.76
N SER A 37 8.16 9.30 32.47
CA SER A 37 7.44 8.70 33.59
C SER A 37 6.46 7.62 33.14
N GLU A 38 5.89 7.77 31.94
CA GLU A 38 4.91 6.79 31.46
C GLU A 38 5.64 5.49 31.14
N ILE A 39 6.83 5.61 30.55
CA ILE A 39 7.63 4.45 30.18
C ILE A 39 8.12 3.69 31.43
N ASP A 40 8.70 4.42 32.38
CA ASP A 40 9.11 3.84 33.65
C ASP A 40 7.98 3.03 34.29
N LEU A 41 6.83 3.67 34.45
CA LEU A 41 5.74 3.04 35.18
C LEU A 41 5.03 1.94 34.39
N THR A 42 4.95 2.08 33.06
CA THR A 42 4.13 1.14 32.27
C THR A 42 4.88 0.31 31.22
N GLY A 43 6.11 0.70 30.89
CA GLY A 43 6.85 0.01 29.85
C GLY A 43 6.64 0.55 28.44
N SER A 44 5.60 1.37 28.25
CA SER A 44 5.36 1.99 26.96
C SER A 44 4.83 3.41 27.14
N TYR A 45 4.42 4.06 26.06
CA TYR A 45 3.72 5.34 26.17
C TYR A 45 2.66 5.45 25.08
N VAL A 46 1.73 6.38 25.23
CA VAL A 46 0.63 6.47 24.28
C VAL A 46 0.73 7.79 23.49
N HIS A 47 0.69 7.72 22.17
CA HIS A 47 0.73 8.95 21.39
C HIS A 47 -0.55 9.75 21.55
N THR A 48 -0.43 11.08 21.55
CA THR A 48 -1.59 11.94 21.37
C THR A 48 -2.10 11.76 19.96
N LYS A 49 -3.34 12.16 19.69
CA LYS A 49 -3.89 12.05 18.34
C LYS A 49 -3.10 12.88 17.34
N GLU A 50 -2.60 14.03 17.78
CA GLU A 50 -1.75 14.87 16.95
C GLU A 50 -0.44 14.17 16.57
N GLU A 51 0.18 13.53 17.55
CA GLU A 51 1.46 12.88 17.31
C GLU A 51 1.25 11.73 16.35
N LEU A 52 0.15 11.00 16.53
CA LEU A 52 -0.10 9.80 15.73
C LEU A 52 -0.35 10.21 14.31
N GLU A 53 -1.15 11.25 14.12
CA GLU A 53 -1.46 11.72 12.78
C GLU A 53 -0.21 12.25 12.07
N HIS A 54 0.54 13.10 12.75
CA HIS A 54 1.75 13.63 12.13
C HIS A 54 2.82 12.53 11.91
N GLY A 55 2.94 11.60 12.87
CA GLY A 55 3.79 10.44 12.68
C GLY A 55 3.50 9.62 11.43
N ALA A 56 2.23 9.37 11.14
CA ALA A 56 1.87 8.56 9.98
C ALA A 56 2.19 9.32 8.70
N LYS A 57 2.03 10.64 8.76
CA LYS A 57 2.38 11.48 7.61
C LYS A 57 3.89 11.50 7.40
N MET A 58 4.65 11.63 8.49
CA MET A 58 6.10 11.63 8.37
C MET A 58 6.57 10.30 7.81
N ALA A 59 5.90 9.22 8.19
CA ALA A 59 6.32 7.89 7.76
C ALA A 59 6.16 7.75 6.27
N TRP A 60 5.08 8.32 5.72
CA TRP A 60 4.90 8.30 4.28
C TRP A 60 5.99 9.17 3.60
N ARG A 61 6.21 10.36 4.13
CA ARG A 61 7.22 11.28 3.61
C ARG A 61 8.63 10.64 3.55
N ASN A 62 8.88 9.71 4.46
CA ASN A 62 10.19 9.06 4.55
C ASN A 62 10.28 7.74 3.78
N SER A 63 9.22 7.37 3.08
CA SER A 63 9.22 6.07 2.36
C SER A 63 10.00 6.20 1.07
N ASN A 64 11.26 5.79 1.14
CA ASN A 64 12.20 5.94 0.03
C ASN A 64 11.72 5.43 -1.31
N ARG A 65 10.89 4.39 -1.31
CA ARG A 65 10.51 3.75 -2.55
C ARG A 65 9.27 4.35 -3.17
N CYS A 66 8.66 5.33 -2.51
CA CYS A 66 7.37 5.86 -2.96
C CYS A 66 7.49 7.13 -3.82
N ILE A 67 6.99 7.06 -5.05
CA ILE A 67 7.04 8.20 -5.96
C ILE A 67 5.88 9.18 -5.66
N GLY A 68 4.93 8.74 -4.84
CA GLY A 68 3.72 9.52 -4.66
C GLY A 68 3.80 10.48 -3.49
N ARG A 69 5.00 10.68 -2.96
CA ARG A 69 5.11 11.41 -1.67
C ARG A 69 4.76 12.91 -1.62
N LEU A 70 4.53 13.57 -2.75
CA LEU A 70 4.23 15.02 -2.73
C LEU A 70 3.06 15.29 -1.80
N PHE A 71 2.15 14.35 -1.78
CA PHE A 71 0.90 14.53 -1.03
C PHE A 71 0.91 14.04 0.41
N TRP A 72 2.10 13.75 0.95
CA TRP A 72 2.22 13.21 2.34
C TRP A 72 1.40 13.95 3.41
N ASN A 73 1.33 15.28 3.33
CA ASN A 73 0.68 16.04 4.38
C ASN A 73 -0.83 16.02 4.37
N SER A 74 -1.43 15.45 3.34
CA SER A 74 -2.89 15.38 3.29
C SER A 74 -3.42 13.98 3.55
N LEU A 75 -2.55 13.07 3.99
CA LEU A 75 -2.98 11.74 4.45
C LEU A 75 -4.13 11.84 5.47
N ASN A 76 -5.21 11.10 5.24
CA ASN A 76 -6.36 11.02 6.16
C ASN A 76 -6.10 9.93 7.22
N VAL A 77 -5.86 10.32 8.47
CA VAL A 77 -5.45 9.32 9.47
C VAL A 77 -6.62 8.96 10.36
N ILE A 78 -7.04 7.70 10.36
CA ILE A 78 -8.16 7.29 11.23
C ILE A 78 -7.60 6.52 12.41
N ASP A 79 -7.85 7.04 13.62
CA ASP A 79 -7.30 6.46 14.86
C ASP A 79 -8.22 5.38 15.43
N ARG A 80 -7.90 4.11 15.19
CA ARG A 80 -8.72 3.02 15.73
C ARG A 80 -8.00 2.23 16.82
N ARG A 81 -7.27 2.95 17.68
CA ARG A 81 -6.57 2.33 18.80
C ARG A 81 -7.54 1.84 19.88
N ASP A 82 -8.81 2.19 19.70
CA ASP A 82 -9.84 1.81 20.66
C ASP A 82 -10.47 0.42 20.39
N VAL A 83 -10.16 -0.22 19.26
CA VAL A 83 -10.83 -1.50 18.96
C VAL A 83 -10.35 -2.64 19.86
N ARG A 84 -11.28 -3.50 20.27
CA ARG A 84 -10.95 -4.62 21.16
C ARG A 84 -11.50 -5.94 20.65
N THR A 85 -12.43 -5.90 19.69
CA THR A 85 -13.11 -7.11 19.21
C THR A 85 -12.95 -7.35 17.71
N LYS A 86 -13.19 -8.58 17.28
CA LYS A 86 -12.98 -8.89 15.87
C LYS A 86 -14.07 -8.21 15.02
N GLU A 87 -15.26 -8.05 15.59
CA GLU A 87 -16.32 -7.33 14.89
C GLU A 87 -15.92 -5.87 14.68
N GLU A 88 -15.31 -5.25 15.69
CA GLU A 88 -14.84 -3.86 15.53
C GLU A 88 -13.73 -3.74 14.49
N VAL A 89 -12.82 -4.71 14.46
CA VAL A 89 -11.75 -4.70 13.44
C VAL A 89 -12.34 -4.80 12.05
N ARG A 90 -13.26 -5.76 11.88
CA ARG A 90 -13.87 -5.99 10.58
C ARG A 90 -14.57 -4.74 10.10
N ASP A 91 -15.34 -4.14 10.99
CA ASP A 91 -16.11 -2.97 10.65
C ASP A 91 -15.20 -1.78 10.33
N ALA A 92 -14.08 -1.68 11.02
CA ALA A 92 -13.09 -0.64 10.72
C ALA A 92 -12.44 -0.86 9.36
N LEU A 93 -12.23 -2.11 8.99
CA LEU A 93 -11.63 -2.39 7.69
C LEU A 93 -12.66 -2.14 6.57
N PHE A 94 -13.91 -2.52 6.80
CA PHE A 94 -14.96 -2.19 5.84
C PHE A 94 -15.05 -0.67 5.70
N HIS A 95 -14.99 0.05 6.82
CA HIS A 95 -15.09 1.50 6.78
C HIS A 95 -13.94 2.13 6.00
N HIS A 96 -12.73 1.62 6.24
CA HIS A 96 -11.57 2.15 5.52
C HIS A 96 -11.79 2.00 4.03
N ILE A 97 -12.18 0.81 3.61
CA ILE A 97 -12.50 0.63 2.19
C ILE A 97 -13.48 1.66 1.63
N GLU A 98 -14.59 1.90 2.34
CA GLU A 98 -15.63 2.79 1.81
C GLU A 98 -15.12 4.23 1.79
N THR A 99 -14.43 4.65 2.86
CA THR A 99 -14.02 6.06 2.95
C THR A 99 -12.85 6.38 2.02
N ALA A 100 -11.94 5.43 1.88
CA ALA A 100 -10.80 5.61 0.97
C ALA A 100 -11.29 5.61 -0.46
N THR A 101 -12.25 4.75 -0.77
CA THR A 101 -12.78 4.63 -2.14
C THR A 101 -13.49 5.92 -2.56
N ASN A 102 -14.36 6.41 -1.68
CA ASN A 102 -15.00 7.70 -1.86
C ASN A 102 -15.66 7.81 -3.24
N ASN A 103 -16.39 6.78 -3.63
CA ASN A 103 -17.05 6.71 -4.95
C ASN A 103 -16.13 6.89 -6.14
N GLY A 104 -14.86 6.59 -5.98
CA GLY A 104 -13.91 6.69 -7.09
C GLY A 104 -12.89 7.82 -6.90
N LYS A 105 -13.27 8.87 -6.17
CA LYS A 105 -12.34 9.98 -5.90
C LYS A 105 -11.50 9.63 -4.68
N ILE A 106 -10.51 8.76 -4.90
CA ILE A 106 -9.78 8.07 -3.82
C ILE A 106 -9.12 9.03 -2.84
N ARG A 107 -9.31 8.80 -1.53
CA ARG A 107 -8.64 9.58 -0.47
C ARG A 107 -7.55 8.75 0.13
N PRO A 108 -6.30 9.23 0.07
CA PRO A 108 -5.23 8.50 0.76
C PRO A 108 -5.55 8.48 2.24
N THR A 109 -5.56 7.28 2.83
CA THR A 109 -6.10 7.04 4.18
C THR A 109 -5.27 5.97 4.85
N ILE A 110 -5.17 6.05 6.18
CA ILE A 110 -4.55 5.00 6.97
C ILE A 110 -5.43 4.80 8.20
N THR A 111 -5.73 3.54 8.52
CA THR A 111 -6.47 3.23 9.75
C THR A 111 -5.47 2.61 10.69
N ILE A 112 -5.36 3.13 11.91
CA ILE A 112 -4.30 2.66 12.81
C ILE A 112 -4.89 1.91 13.98
N PHE A 113 -4.52 0.63 14.12
CA PHE A 113 -5.08 -0.24 15.16
C PHE A 113 -4.15 -0.24 16.39
N PRO A 114 -4.58 -0.83 17.54
CA PRO A 114 -3.67 -0.76 18.69
C PRO A 114 -2.30 -1.32 18.35
N PRO A 115 -1.22 -0.72 18.92
CA PRO A 115 0.14 -1.15 18.56
C PRO A 115 0.57 -2.40 19.36
N GLU A 116 1.67 -3.05 18.96
CA GLU A 116 2.24 -4.16 19.75
C GLU A 116 2.54 -3.68 21.15
N GLU A 117 2.42 -4.60 22.12
CA GLU A 117 2.67 -4.27 23.50
C GLU A 117 4.11 -4.62 23.85
N LYS A 118 4.34 -5.91 24.09
CA LYS A 118 5.68 -6.42 24.35
C LYS A 118 6.19 -7.17 23.12
N GLY A 119 6.02 -6.59 21.94
CA GLY A 119 6.19 -7.35 20.70
C GLY A 119 4.97 -8.25 20.47
N GLU A 120 4.03 -8.21 21.41
CA GLU A 120 2.79 -8.96 21.29
C GLU A 120 1.76 -8.17 20.49
N LYS A 121 1.39 -8.70 19.33
CA LYS A 121 0.39 -8.06 18.48
C LYS A 121 -1.00 -8.11 19.13
N GLN A 122 -1.77 -7.04 18.96
CA GLN A 122 -3.13 -7.00 19.45
C GLN A 122 -4.05 -7.47 18.32
N VAL A 123 -3.64 -7.15 17.10
CA VAL A 123 -4.40 -7.51 15.90
C VAL A 123 -3.36 -7.85 14.85
N GLU A 124 -3.52 -8.98 14.17
CA GLU A 124 -2.54 -9.40 13.16
C GLU A 124 -3.29 -9.61 11.85
N ILE A 125 -3.06 -8.75 10.85
CA ILE A 125 -3.78 -8.86 9.58
C ILE A 125 -3.02 -9.78 8.62
N TRP A 126 -3.70 -10.79 8.05
CA TRP A 126 -3.03 -11.73 7.15
C TRP A 126 -3.01 -11.27 5.69
N ASN A 127 -3.98 -10.44 5.28
CA ASN A 127 -4.01 -9.96 3.90
C ASN A 127 -2.82 -9.11 3.52
N HIS A 128 -2.37 -9.20 2.26
CA HIS A 128 -1.34 -8.29 1.74
C HIS A 128 -1.98 -6.94 1.40
N GLN A 129 -3.13 -6.98 0.75
CA GLN A 129 -3.96 -5.79 0.55
C GLN A 129 -5.36 -6.14 0.97
N LEU A 130 -6.15 -5.14 1.39
CA LEU A 130 -7.49 -5.45 1.85
C LEU A 130 -8.34 -6.00 0.70
N ILE A 131 -8.13 -5.48 -0.52
CA ILE A 131 -8.80 -6.01 -1.71
C ILE A 131 -7.72 -6.62 -2.58
N ARG A 132 -7.84 -7.92 -2.87
CA ARG A 132 -6.82 -8.62 -3.65
C ARG A 132 -7.45 -9.89 -4.25
N TYR A 133 -7.00 -10.33 -5.42
CA TYR A 133 -7.57 -11.56 -5.99
C TYR A 133 -6.83 -12.82 -5.56
N ALA A 134 -7.58 -13.91 -5.40
CA ALA A 134 -7.05 -15.23 -5.04
C ALA A 134 -6.23 -15.84 -6.18
N GLY A 135 -5.41 -16.82 -5.85
CA GLY A 135 -4.63 -17.49 -6.89
C GLY A 135 -4.63 -18.97 -6.59
N TYR A 136 -4.65 -19.79 -7.64
CA TYR A 136 -4.70 -21.22 -7.45
C TYR A 136 -3.71 -21.86 -8.40
N GLU A 137 -3.07 -22.94 -7.96
CA GLU A 137 -2.08 -23.62 -8.78
C GLU A 137 -2.17 -25.06 -8.33
N SER A 138 -2.79 -25.89 -9.13
CA SER A 138 -2.74 -27.33 -8.90
C SER A 138 -2.62 -28.01 -10.24
N ASP A 139 -1.79 -29.06 -10.27
CA ASP A 139 -1.58 -29.91 -11.45
C ASP A 139 -1.74 -29.21 -12.80
N GLY A 140 -0.74 -28.39 -13.15
CA GLY A 140 -0.71 -27.71 -14.44
C GLY A 140 -1.64 -26.53 -14.60
N GLU A 141 -2.66 -26.44 -13.76
CA GLU A 141 -3.70 -25.41 -13.90
C GLU A 141 -3.42 -24.19 -13.03
N ARG A 142 -3.26 -23.04 -13.66
CA ARG A 142 -3.10 -21.76 -12.97
C ARG A 142 -4.35 -20.91 -13.14
N ILE A 143 -4.89 -20.43 -12.02
CA ILE A 143 -6.08 -19.58 -12.04
C ILE A 143 -5.84 -18.40 -11.14
N GLY A 144 -6.22 -17.19 -11.58
CA GLY A 144 -6.12 -16.01 -10.73
C GLY A 144 -4.70 -15.49 -10.55
N ASP A 145 -4.45 -14.90 -9.39
CA ASP A 145 -3.19 -14.18 -9.16
C ASP A 145 -2.16 -15.06 -8.43
N PRO A 146 -1.10 -15.49 -9.14
CA PRO A 146 -0.11 -16.37 -8.51
C PRO A 146 0.47 -15.79 -7.23
N ALA A 147 0.50 -14.47 -7.14
CA ALA A 147 1.09 -13.84 -5.97
C ALA A 147 0.24 -14.12 -4.73
N SER A 148 -1.01 -14.52 -4.94
CA SER A 148 -1.92 -14.84 -3.83
C SER A 148 -2.05 -16.30 -3.48
N CYS A 149 -1.27 -17.18 -4.11
CA CYS A 149 -1.43 -18.62 -3.89
C CYS A 149 -1.28 -19.08 -2.46
N SER A 150 -0.26 -18.58 -1.74
CA SER A 150 -0.09 -19.12 -0.39
C SER A 150 -1.17 -18.60 0.54
N LEU A 151 -1.57 -17.33 0.40
CA LEU A 151 -2.62 -16.81 1.27
C LEU A 151 -3.95 -17.48 0.95
N THR A 152 -4.20 -17.72 -0.35
CA THR A 152 -5.42 -18.40 -0.78
C THR A 152 -5.52 -19.78 -0.19
N ALA A 153 -4.41 -20.52 -0.23
CA ALA A 153 -4.40 -21.85 0.35
C ALA A 153 -4.62 -21.81 1.86
N ALA A 154 -4.08 -20.79 2.54
CA ALA A 154 -4.30 -20.66 3.99
C ALA A 154 -5.76 -20.37 4.29
N CYS A 155 -6.39 -19.55 3.46
CA CYS A 155 -7.82 -19.27 3.63
C CYS A 155 -8.66 -20.51 3.45
N GLU A 156 -8.31 -21.31 2.44
CA GLU A 156 -9.12 -22.49 2.21
C GLU A 156 -8.91 -23.53 3.29
N GLU A 157 -7.80 -23.43 4.02
CA GLU A 157 -7.59 -24.29 5.20
C GLU A 157 -8.58 -23.93 6.27
N LEU A 158 -9.04 -22.68 6.25
CA LEU A 158 -9.91 -22.16 7.30
C LEU A 158 -11.39 -22.24 6.93
N GLY A 159 -11.69 -22.99 5.87
CA GLY A 159 -13.07 -23.21 5.48
C GLY A 159 -13.60 -22.21 4.47
N TRP A 160 -12.77 -21.27 4.03
CA TRP A 160 -13.16 -20.43 2.90
C TRP A 160 -13.05 -21.28 1.64
N ARG A 161 -13.86 -20.97 0.62
CA ARG A 161 -13.76 -21.64 -0.69
C ARG A 161 -13.95 -20.59 -1.81
N GLY A 162 -12.97 -20.50 -2.71
CA GLY A 162 -13.06 -19.54 -3.79
C GLY A 162 -13.83 -20.15 -4.95
N GLU A 163 -14.48 -19.31 -5.77
CA GLU A 163 -15.20 -19.79 -6.96
C GLU A 163 -14.26 -20.24 -8.08
N ARG A 164 -12.98 -19.88 -7.95
CA ARG A 164 -11.97 -20.21 -8.95
C ARG A 164 -12.21 -19.54 -10.32
N THR A 165 -12.70 -18.30 -10.28
CA THR A 165 -12.55 -17.39 -11.42
C THR A 165 -11.15 -16.81 -11.31
N ASP A 166 -10.73 -16.04 -12.31
CA ASP A 166 -9.41 -15.40 -12.28
C ASP A 166 -9.39 -14.18 -11.38
N PHE A 167 -10.58 -13.78 -10.89
CA PHE A 167 -10.71 -12.58 -10.05
C PHE A 167 -11.57 -12.80 -8.81
N ASP A 168 -11.33 -13.89 -8.06
CA ASP A 168 -12.07 -14.12 -6.80
C ASP A 168 -11.57 -13.11 -5.78
N LEU A 169 -12.44 -12.43 -5.05
CA LEU A 169 -11.96 -11.52 -4.00
C LEU A 169 -11.65 -12.35 -2.74
N LEU A 170 -10.44 -12.19 -2.23
CA LEU A 170 -10.07 -12.90 -1.02
C LEU A 170 -10.88 -12.30 0.13
N PRO A 171 -11.17 -13.10 1.15
CA PRO A 171 -11.86 -12.54 2.32
C PRO A 171 -10.88 -11.69 3.12
N LEU A 172 -11.36 -10.82 4.01
CA LEU A 172 -10.47 -10.19 4.98
C LEU A 172 -10.10 -11.31 5.93
N ILE A 173 -8.84 -11.37 6.33
CA ILE A 173 -8.45 -12.41 7.29
C ILE A 173 -7.46 -11.85 8.30
N PHE A 174 -7.78 -11.99 9.58
CA PHE A 174 -6.92 -11.46 10.63
C PHE A 174 -7.11 -12.23 11.90
N ARG A 175 -6.12 -12.13 12.78
CA ARG A 175 -6.18 -12.81 14.05
C ARG A 175 -6.10 -11.83 15.20
N MET A 176 -6.93 -12.08 16.22
CA MET A 176 -6.91 -11.30 17.46
C MET A 176 -5.98 -11.94 18.47
N LYS A 177 -5.35 -11.10 19.29
CA LYS A 177 -4.54 -11.56 20.39
C LYS A 177 -5.36 -12.52 21.24
N GLY A 178 -4.82 -13.70 21.52
CA GLY A 178 -5.50 -14.60 22.42
C GLY A 178 -6.28 -15.67 21.68
N ASP A 179 -6.49 -15.45 20.39
CA ASP A 179 -7.09 -16.47 19.53
C ASP A 179 -5.97 -17.26 18.86
N GLU A 180 -6.15 -18.57 18.77
CA GLU A 180 -5.20 -19.45 18.11
C GLU A 180 -5.26 -19.34 16.59
N GLN A 181 -6.43 -18.98 16.08
CA GLN A 181 -6.67 -18.98 14.64
C GLN A 181 -7.24 -17.66 14.21
N PRO A 182 -6.94 -17.23 12.96
CA PRO A 182 -7.57 -15.99 12.49
C PRO A 182 -9.04 -16.26 12.17
N VAL A 183 -9.81 -15.22 11.87
CA VAL A 183 -11.19 -15.39 11.44
C VAL A 183 -11.17 -14.81 10.03
N TRP A 184 -12.15 -15.17 9.20
CA TRP A 184 -12.25 -14.50 7.90
C TRP A 184 -13.67 -14.02 7.63
N TYR A 185 -13.76 -12.97 6.81
CA TYR A 185 -15.03 -12.37 6.43
C TYR A 185 -15.00 -12.02 4.94
N GLU A 186 -16.02 -12.47 4.21
CA GLU A 186 -16.18 -12.08 2.82
C GLU A 186 -16.35 -10.58 2.70
N LEU A 187 -15.76 -10.00 1.66
CA LEU A 187 -15.98 -8.58 1.38
C LEU A 187 -17.36 -8.39 0.75
N PRO A 188 -18.14 -7.44 1.29
CA PRO A 188 -19.39 -7.07 0.64
C PRO A 188 -19.09 -6.49 -0.75
N ARG A 189 -19.66 -7.04 -1.81
CA ARG A 189 -19.31 -6.56 -3.15
C ARG A 189 -19.65 -5.08 -3.37
N SER A 190 -20.66 -4.58 -2.66
CA SER A 190 -21.06 -3.17 -2.78
C SER A 190 -19.95 -2.20 -2.36
N LEU A 191 -18.95 -2.69 -1.64
CA LEU A 191 -17.87 -1.83 -1.16
C LEU A 191 -16.69 -1.77 -2.14
N VAL A 192 -16.62 -2.74 -3.05
CA VAL A 192 -15.42 -2.92 -3.86
C VAL A 192 -15.63 -2.39 -5.28
N ILE A 193 -14.99 -1.29 -5.65
CA ILE A 193 -15.06 -0.83 -7.02
C ILE A 193 -14.06 -1.58 -7.89
N GLU A 194 -14.51 -2.04 -9.05
CA GLU A 194 -13.60 -2.68 -9.99
C GLU A 194 -13.73 -1.97 -11.31
N VAL A 195 -12.67 -2.02 -12.11
CA VAL A 195 -12.65 -1.35 -13.40
C VAL A 195 -12.40 -2.36 -14.53
N PRO A 196 -13.37 -2.52 -15.47
CA PRO A 196 -13.07 -3.34 -16.65
C PRO A 196 -12.05 -2.64 -17.57
N ILE A 197 -11.11 -3.37 -18.13
CA ILE A 197 -10.08 -2.73 -18.95
C ILE A 197 -10.51 -2.72 -20.42
N THR A 198 -10.70 -1.52 -20.97
CA THR A 198 -10.99 -1.36 -22.38
C THR A 198 -9.92 -0.43 -22.96
N HIS A 199 -9.83 -0.38 -24.29
CA HIS A 199 -8.79 0.45 -24.91
C HIS A 199 -9.49 1.59 -25.64
N PRO A 200 -8.88 2.78 -25.65
CA PRO A 200 -9.57 3.92 -26.27
C PRO A 200 -9.83 3.75 -27.78
N ASP A 201 -8.98 3.01 -28.48
CA ASP A 201 -9.04 2.93 -29.95
C ASP A 201 -9.33 1.52 -30.41
N ILE A 202 -8.90 0.54 -29.63
CA ILE A 202 -8.97 -0.85 -30.08
C ILE A 202 -10.13 -1.60 -29.46
N GLU A 203 -11.18 -1.79 -30.24
CA GLU A 203 -12.44 -2.29 -29.72
C GLU A 203 -12.32 -3.73 -29.21
N ALA A 204 -11.47 -4.52 -29.86
CA ALA A 204 -11.33 -5.91 -29.47
C ALA A 204 -10.68 -6.10 -28.09
N PHE A 205 -10.12 -5.05 -27.51
CA PHE A 205 -9.37 -5.19 -26.25
C PHE A 205 -10.25 -5.75 -25.13
N SER A 206 -11.55 -5.45 -25.17
CA SER A 206 -12.48 -5.98 -24.18
C SER A 206 -12.62 -7.50 -24.24
N ASP A 207 -12.18 -8.11 -25.36
CA ASP A 207 -12.26 -9.57 -25.50
C ASP A 207 -11.40 -10.26 -24.47
N LEU A 208 -10.40 -9.55 -23.94
CA LEU A 208 -9.48 -10.14 -22.96
C LEU A 208 -10.14 -10.28 -21.61
N GLU A 209 -11.26 -9.57 -21.44
CA GLU A 209 -12.02 -9.60 -20.18
C GLU A 209 -11.11 -9.34 -18.96
N LEU A 210 -10.23 -8.35 -19.07
CA LEU A 210 -9.37 -7.96 -17.97
C LEU A 210 -10.13 -6.96 -17.11
N LYS A 211 -9.85 -6.98 -15.82
CA LYS A 211 -10.32 -5.96 -14.92
C LYS A 211 -9.32 -5.86 -13.77
N TRP A 212 -9.41 -4.80 -12.97
CA TRP A 212 -8.61 -4.70 -11.76
C TRP A 212 -9.44 -3.95 -10.75
N TYR A 213 -9.02 -3.98 -9.50
CA TYR A 213 -9.80 -3.32 -8.47
C TYR A 213 -9.33 -1.86 -8.34
N GLY A 214 -10.18 -1.01 -7.79
CA GLY A 214 -9.90 0.43 -7.79
C GLY A 214 -8.83 0.88 -6.81
N VAL A 215 -8.83 0.32 -5.63
CA VAL A 215 -8.02 0.88 -4.56
C VAL A 215 -7.05 -0.10 -3.95
N PRO A 216 -5.71 0.15 -4.03
CA PRO A 216 -4.72 -0.70 -3.37
C PRO A 216 -4.53 -0.29 -1.91
N ILE A 217 -4.89 -1.18 -0.99
CA ILE A 217 -4.87 -0.86 0.42
C ILE A 217 -3.92 -1.83 1.08
N ILE A 218 -2.67 -1.43 1.20
CA ILE A 218 -1.60 -2.32 1.69
C ILE A 218 -1.76 -2.52 3.18
N SER A 219 -1.83 -3.79 3.62
CA SER A 219 -2.32 -4.07 4.96
C SER A 219 -1.39 -4.95 5.76
N ASP A 220 -0.17 -5.13 5.26
CA ASP A 220 0.74 -6.02 5.95
C ASP A 220 2.06 -5.34 6.35
N MET A 221 2.11 -4.00 6.29
CA MET A 221 3.33 -3.32 6.73
C MET A 221 3.20 -2.77 8.13
N LYS A 222 4.33 -2.62 8.81
CA LYS A 222 4.34 -2.07 10.15
C LYS A 222 4.67 -0.58 10.10
N LEU A 223 3.85 0.22 10.75
CA LEU A 223 4.15 1.65 10.90
C LEU A 223 4.88 1.82 12.21
N GLU A 224 6.08 2.41 12.15
CA GLU A 224 6.83 2.68 13.35
C GLU A 224 6.94 4.19 13.58
N VAL A 225 6.57 4.63 14.77
CA VAL A 225 6.55 6.05 15.09
C VAL A 225 7.04 6.21 16.52
N GLY A 226 8.20 6.86 16.70
CA GLY A 226 8.66 7.13 18.05
C GLY A 226 8.84 5.90 18.91
N GLY A 227 9.24 4.79 18.28
CA GLY A 227 9.54 3.58 19.04
C GLY A 227 8.31 2.70 19.28
N ILE A 228 7.15 3.16 18.81
CA ILE A 228 5.91 2.41 19.02
C ILE A 228 5.65 1.67 17.72
N HIS A 229 5.29 0.40 17.81
CA HIS A 229 5.20 -0.44 16.61
C HIS A 229 3.76 -0.76 16.24
N TYR A 230 3.23 -0.08 15.24
CA TYR A 230 1.86 -0.30 14.79
C TYR A 230 1.88 -1.32 13.66
N ASN A 231 1.92 -2.60 14.02
CA ASN A 231 2.02 -3.68 13.03
C ASN A 231 0.77 -3.77 12.18
N ALA A 232 -0.35 -3.29 12.72
CA ALA A 232 -1.62 -3.28 11.98
C ALA A 232 -2.04 -1.84 11.68
N ALA A 233 -1.85 -1.41 10.44
CA ALA A 233 -2.08 -0.02 10.08
C ALA A 233 -2.21 0.06 8.57
N PRO A 234 -3.32 -0.47 8.02
CA PRO A 234 -3.47 -0.51 6.56
C PRO A 234 -3.64 0.89 5.98
N PHE A 235 -3.04 1.14 4.82
CA PHE A 235 -3.06 2.47 4.25
C PHE A 235 -3.26 2.30 2.76
N ASN A 236 -3.67 3.38 2.08
CA ASN A 236 -3.80 3.33 0.64
C ASN A 236 -3.51 4.67 0.00
N GLY A 237 -3.11 4.63 -1.26
CA GLY A 237 -3.13 5.82 -2.10
C GLY A 237 -4.06 5.46 -3.25
N TRP A 238 -3.78 6.03 -4.41
CA TRP A 238 -4.34 5.55 -5.66
C TRP A 238 -3.20 4.91 -6.45
N TYR A 239 -3.57 4.11 -7.44
CA TYR A 239 -2.59 3.44 -8.29
C TYR A 239 -1.84 4.40 -9.20
N MET A 240 -0.59 4.06 -9.49
CA MET A 240 0.07 4.59 -10.67
C MET A 240 -0.16 3.51 -11.71
N GLY A 241 -0.53 3.90 -12.94
CA GLY A 241 -1.03 2.93 -13.91
C GLY A 241 -0.09 1.78 -14.23
N THR A 242 1.21 2.07 -14.27
CA THR A 242 2.18 1.00 -14.54
C THR A 242 2.16 -0.14 -13.52
N GLU A 243 1.68 0.12 -12.29
CA GLU A 243 1.63 -0.98 -11.32
C GLU A 243 0.68 -2.06 -11.81
N ILE A 244 -0.39 -1.62 -12.46
CA ILE A 244 -1.40 -2.56 -12.94
C ILE A 244 -0.96 -3.07 -14.32
N GLY A 245 -0.60 -2.15 -15.20
CA GLY A 245 -0.38 -2.49 -16.61
C GLY A 245 0.97 -3.09 -16.94
N ALA A 246 2.00 -2.74 -16.16
CA ALA A 246 3.35 -3.22 -16.47
C ALA A 246 3.74 -4.35 -15.55
N ARG A 247 3.03 -4.49 -14.44
CA ARG A 247 3.40 -5.53 -13.49
C ARG A 247 2.26 -6.53 -13.20
N ASN A 248 1.17 -6.09 -12.58
CA ASN A 248 0.10 -7.03 -12.18
C ASN A 248 -0.46 -7.83 -13.35
N LEU A 249 -0.71 -7.15 -14.46
CA LEU A 249 -1.32 -7.83 -15.61
C LEU A 249 -0.27 -8.38 -16.58
N ALA A 250 0.95 -7.86 -16.50
CA ALA A 250 2.02 -8.21 -17.48
C ALA A 250 3.05 -9.23 -17.07
N ASP A 251 3.43 -9.24 -15.79
CA ASP A 251 4.54 -10.10 -15.34
C ASP A 251 4.21 -11.54 -15.67
N GLU A 252 5.23 -12.30 -16.08
CA GLU A 252 5.01 -13.73 -16.37
C GLU A 252 4.57 -14.47 -15.12
N LYS A 253 5.05 -14.02 -13.96
CA LYS A 253 4.67 -14.64 -12.69
C LYS A 253 3.41 -14.02 -12.04
N ARG A 254 2.74 -13.12 -12.76
CA ARG A 254 1.41 -12.64 -12.33
C ARG A 254 0.41 -13.03 -13.40
N TYR A 255 -0.35 -12.10 -13.96
CA TYR A 255 -1.39 -12.50 -14.91
C TYR A 255 -0.86 -12.82 -16.32
N ASP A 256 0.37 -12.41 -16.61
CA ASP A 256 1.06 -12.89 -17.84
C ASP A 256 0.26 -12.65 -19.14
N LYS A 257 -0.24 -11.43 -19.33
CA LYS A 257 -1.17 -11.13 -20.44
C LYS A 257 -0.56 -10.57 -21.75
N LEU A 258 0.76 -10.47 -21.85
CA LEU A 258 1.30 -9.73 -23.02
C LEU A 258 1.07 -10.43 -24.36
N LYS A 259 1.17 -11.76 -24.40
CA LYS A 259 0.95 -12.47 -25.66
C LYS A 259 -0.49 -12.25 -26.08
N LYS A 260 -1.40 -12.32 -25.12
CA LYS A 260 -2.81 -12.08 -25.42
C LYS A 260 -3.08 -10.65 -25.86
N VAL A 261 -2.39 -9.70 -25.26
CA VAL A 261 -2.51 -8.30 -25.66
C VAL A 261 -1.98 -8.12 -27.09
N ALA A 262 -0.83 -8.70 -27.37
CA ALA A 262 -0.24 -8.61 -28.70
C ALA A 262 -1.25 -9.09 -29.74
N SER A 263 -1.88 -10.22 -29.46
CA SER A 263 -2.81 -10.75 -30.43
C SER A 263 -4.00 -9.80 -30.67
N VAL A 264 -4.61 -9.29 -29.60
CA VAL A 264 -5.78 -8.40 -29.81
C VAL A 264 -5.42 -7.06 -30.43
N ILE A 265 -4.18 -6.61 -30.28
CA ILE A 265 -3.79 -5.36 -30.93
C ILE A 265 -3.25 -5.62 -32.34
N GLY A 266 -3.27 -6.88 -32.73
CA GLY A 266 -2.99 -7.23 -34.11
C GLY A 266 -1.53 -7.23 -34.49
N ILE A 267 -0.62 -7.44 -33.53
CA ILE A 267 0.80 -7.58 -33.89
C ILE A 267 1.29 -9.00 -33.61
N ALA A 268 2.31 -9.45 -34.36
CA ALA A 268 2.90 -10.77 -34.15
C ALA A 268 3.71 -10.79 -32.86
N ALA A 269 3.76 -11.94 -32.18
CA ALA A 269 4.55 -12.07 -30.94
C ALA A 269 5.65 -13.10 -31.14
N ASP A 270 6.35 -12.98 -32.27
CA ASP A 270 7.29 -14.00 -32.71
C ASP A 270 8.77 -13.59 -32.64
N TYR A 271 9.06 -12.30 -32.79
CA TYR A 271 10.46 -11.86 -32.94
C TYR A 271 10.82 -10.79 -31.93
N ASN A 272 11.90 -11.00 -31.19
CA ASN A 272 12.29 -10.00 -30.18
C ASN A 272 12.51 -8.64 -30.86
N THR A 273 13.06 -8.63 -32.07
CA THR A 273 13.40 -7.39 -32.77
C THR A 273 12.18 -6.55 -33.18
N ASP A 274 10.99 -7.16 -33.11
CA ASP A 274 9.75 -6.44 -33.40
C ASP A 274 9.33 -5.60 -32.20
N LEU A 275 9.99 -5.80 -31.05
CA LEU A 275 9.61 -5.13 -29.81
C LEU A 275 8.14 -5.30 -29.50
N TRP A 276 7.60 -6.50 -29.72
CA TRP A 276 6.18 -6.69 -29.50
C TRP A 276 5.82 -6.63 -28.02
N LYS A 277 6.73 -7.04 -27.14
CA LYS A 277 6.40 -6.95 -25.71
C LYS A 277 6.32 -5.49 -25.34
N ASP A 278 7.21 -4.68 -25.91
CA ASP A 278 7.21 -3.27 -25.53
C ASP A 278 5.96 -2.56 -26.03
N GLN A 279 5.56 -2.88 -27.25
CA GLN A 279 4.37 -2.28 -27.86
C GLN A 279 3.12 -2.70 -27.08
N ALA A 280 3.03 -4.00 -26.79
CA ALA A 280 1.93 -4.54 -25.99
C ALA A 280 1.87 -3.87 -24.61
N LEU A 281 3.04 -3.73 -23.96
CA LEU A 281 3.08 -2.98 -22.68
C LEU A 281 2.50 -1.58 -22.77
N VAL A 282 2.87 -0.84 -23.81
CA VAL A 282 2.38 0.54 -23.95
C VAL A 282 0.86 0.53 -24.16
N GLU A 283 0.37 -0.34 -25.05
CA GLU A 283 -1.09 -0.38 -25.27
C GLU A 283 -1.87 -0.83 -24.05
N LEU A 284 -1.35 -1.81 -23.31
CA LEU A 284 -2.03 -2.23 -22.06
C LEU A 284 -2.03 -1.12 -21.04
N ASN A 285 -0.91 -0.41 -20.94
CA ASN A 285 -0.87 0.72 -20.01
C ASN A 285 -1.75 1.89 -20.40
N LYS A 286 -1.92 2.12 -21.71
CA LYS A 286 -2.81 3.15 -22.19
C LYS A 286 -4.24 2.74 -21.84
N ALA A 287 -4.52 1.45 -21.97
CA ALA A 287 -5.88 0.94 -21.70
C ALA A 287 -6.23 1.12 -20.23
N VAL A 288 -5.30 0.73 -19.37
CA VAL A 288 -5.50 0.89 -17.94
C VAL A 288 -5.83 2.35 -17.53
N LEU A 289 -5.05 3.32 -18.01
CA LEU A 289 -5.32 4.73 -17.64
C LEU A 289 -6.67 5.19 -18.18
N HIS A 290 -6.93 4.84 -19.44
CA HIS A 290 -8.19 5.18 -20.07
C HIS A 290 -9.39 4.63 -19.28
N SER A 291 -9.29 3.36 -18.90
CA SER A 291 -10.40 2.67 -18.26
C SER A 291 -10.73 3.23 -16.88
N TYR A 292 -9.69 3.51 -16.09
CA TYR A 292 -9.90 4.11 -14.79
C TYR A 292 -10.50 5.51 -14.91
N LYS A 293 -9.93 6.31 -15.84
CA LYS A 293 -10.45 7.64 -16.08
C LYS A 293 -11.90 7.60 -16.55
N LYS A 294 -12.20 6.69 -17.46
CA LYS A 294 -13.57 6.58 -17.98
C LYS A 294 -14.56 6.29 -16.86
N GLN A 295 -14.12 5.52 -15.88
CA GLN A 295 -15.02 5.12 -14.80
C GLN A 295 -15.01 6.10 -13.62
N GLY A 296 -14.16 7.12 -13.65
CA GLY A 296 -14.12 8.09 -12.57
C GLY A 296 -13.42 7.56 -11.33
N VAL A 297 -12.43 6.71 -11.54
CA VAL A 297 -11.63 6.20 -10.44
C VAL A 297 -10.23 6.79 -10.52
N SER A 298 -9.76 7.39 -9.41
CA SER A 298 -8.45 8.04 -9.40
C SER A 298 -7.33 7.11 -9.83
N ILE A 299 -6.40 7.67 -10.60
CA ILE A 299 -5.21 6.94 -11.06
C ILE A 299 -4.24 8.03 -11.54
N VAL A 300 -2.94 7.72 -11.57
CA VAL A 300 -1.96 8.69 -12.08
C VAL A 300 -1.06 7.95 -13.06
N ASP A 301 -0.67 8.62 -14.13
CA ASP A 301 0.27 8.00 -15.06
C ASP A 301 1.67 8.28 -14.55
N HIS A 302 2.67 7.53 -15.04
CA HIS A 302 4.00 7.63 -14.46
C HIS A 302 4.70 8.96 -14.78
N HIS A 303 4.38 9.61 -15.88
CA HIS A 303 4.98 10.92 -16.18
C HIS A 303 4.50 11.97 -15.22
N THR A 304 3.19 12.00 -14.97
CA THR A 304 2.62 12.99 -14.06
C THR A 304 3.14 12.69 -12.65
N ALA A 305 3.18 11.42 -12.29
CA ALA A 305 3.69 11.01 -10.97
C ALA A 305 5.12 11.50 -10.79
N ALA A 306 5.97 11.30 -11.79
CA ALA A 306 7.33 11.82 -11.67
C ALA A 306 7.41 13.32 -11.60
N SER A 307 6.52 14.01 -12.30
CA SER A 307 6.49 15.48 -12.21
C SER A 307 6.09 15.93 -10.82
N GLN A 308 5.15 15.22 -10.22
CA GLN A 308 4.78 15.51 -8.83
C GLN A 308 5.96 15.21 -7.93
N PHE A 309 6.67 14.12 -8.19
CA PHE A 309 7.81 13.78 -7.31
C PHE A 309 8.95 14.81 -7.37
N LYS A 310 9.17 15.37 -8.56
CA LYS A 310 10.12 16.48 -8.68
C LYS A 310 9.70 17.62 -7.76
N ARG A 311 8.39 17.90 -7.67
CA ARG A 311 7.97 18.98 -6.78
C ARG A 311 8.19 18.58 -5.33
N PHE A 312 8.03 17.29 -5.02
CA PHE A 312 8.36 16.81 -3.67
C PHE A 312 9.83 17.07 -3.32
N GLU A 313 10.73 16.78 -4.28
CA GLU A 313 12.15 17.05 -4.08
C GLU A 313 12.38 18.54 -3.82
N GLU A 314 11.71 19.39 -4.60
CA GLU A 314 11.88 20.84 -4.47
C GLU A 314 11.36 21.32 -3.12
N GLN A 315 10.20 20.79 -2.73
CA GLN A 315 9.60 21.13 -1.44
C GLN A 315 10.51 20.70 -0.27
N ALA A 316 11.13 19.53 -0.37
CA ALA A 316 12.03 19.05 0.68
C ALA A 316 13.16 20.01 0.84
N GLU A 317 13.77 20.40 -0.28
CA GLU A 317 14.88 21.33 -0.25
C GLU A 317 14.49 22.67 0.39
N GLU A 318 13.34 23.20 -0.02
CA GLU A 318 12.86 24.48 0.49
C GLU A 318 12.57 24.42 1.99
N ALA A 319 12.18 23.25 2.49
CA ALA A 319 11.88 23.08 3.92
C ALA A 319 13.14 22.79 4.73
N GLY A 320 14.26 22.57 4.05
CA GLY A 320 15.50 22.24 4.75
C GLY A 320 15.60 20.79 5.20
N ARG A 321 14.78 19.89 4.63
CA ARG A 321 14.84 18.46 4.97
C ARG A 321 15.63 17.71 3.90
N LYS A 322 16.47 16.78 4.36
CA LYS A 322 17.15 15.87 3.44
C LYS A 322 16.14 15.02 2.71
N LEU A 323 16.40 14.73 1.44
CA LEU A 323 15.55 13.84 0.69
C LEU A 323 16.19 12.46 0.70
N THR A 324 15.39 11.42 0.92
CA THR A 324 15.91 10.07 0.76
C THR A 324 15.08 9.32 -0.26
N GLY A 325 15.68 8.35 -0.95
CA GLY A 325 14.95 7.67 -1.99
C GLY A 325 15.68 6.44 -2.52
N ASP A 326 14.90 5.52 -3.07
CA ASP A 326 15.45 4.29 -3.63
C ASP A 326 15.25 4.36 -5.13
N TRP A 327 16.30 4.74 -5.84
CA TRP A 327 16.26 4.92 -7.29
C TRP A 327 15.67 3.71 -8.00
N THR A 328 16.02 2.50 -7.53
CA THR A 328 15.58 1.24 -8.17
C THR A 328 14.08 1.03 -8.11
N TRP A 329 13.42 1.63 -7.12
CA TRP A 329 11.96 1.55 -7.04
C TRP A 329 11.26 2.81 -7.56
N LEU A 330 11.96 3.95 -7.51
CA LEU A 330 11.35 5.22 -7.96
C LEU A 330 11.23 5.29 -9.47
N ILE A 331 12.21 4.76 -10.19
CA ILE A 331 12.02 4.75 -11.66
C ILE A 331 10.81 3.88 -12.06
N PRO A 332 9.97 4.38 -12.98
CA PRO A 332 8.86 3.52 -13.41
C PRO A 332 9.35 2.40 -14.33
N PRO A 333 8.59 1.28 -14.41
CA PRO A 333 8.99 0.14 -15.24
C PRO A 333 8.66 0.36 -16.73
N ILE A 334 8.10 1.52 -17.10
CA ILE A 334 7.83 1.87 -18.51
C ILE A 334 8.54 3.19 -18.82
N SER A 335 9.33 3.25 -19.90
CA SER A 335 10.10 4.46 -20.24
C SER A 335 10.77 5.15 -19.06
N PRO A 336 11.56 4.42 -18.26
CA PRO A 336 12.13 5.12 -17.10
C PRO A 336 13.04 6.30 -17.45
N ALA A 337 13.78 6.22 -18.55
CA ALA A 337 14.70 7.30 -18.85
C ALA A 337 13.97 8.54 -19.38
N ALA A 338 12.65 8.47 -19.52
CA ALA A 338 11.90 9.68 -19.91
C ALA A 338 11.45 10.46 -18.68
N THR A 339 11.85 10.02 -17.49
CA THR A 339 11.53 10.77 -16.27
C THR A 339 12.81 11.36 -15.72
N HIS A 340 12.72 12.47 -14.98
CA HIS A 340 13.92 13.07 -14.38
C HIS A 340 14.57 12.14 -13.34
N ILE A 341 13.76 11.29 -12.71
CA ILE A 341 14.22 10.38 -11.65
C ILE A 341 15.43 9.58 -12.14
N PHE A 342 15.29 9.03 -13.34
CA PHE A 342 16.34 8.19 -13.93
C PHE A 342 17.68 8.86 -13.95
N HIS A 343 17.69 10.19 -14.16
CA HIS A 343 18.95 10.90 -14.43
C HIS A 343 19.60 11.52 -13.21
N ARG A 344 19.06 11.23 -12.03
CA ARG A 344 19.75 11.69 -10.83
C ARG A 344 19.91 10.54 -9.82
N SER A 345 20.62 10.80 -8.73
CA SER A 345 20.82 9.75 -7.73
C SER A 345 20.07 10.13 -6.46
N TYR A 346 19.83 9.13 -5.62
CA TYR A 346 19.08 9.37 -4.38
C TYR A 346 19.78 8.65 -3.23
N ASP A 347 19.82 9.28 -2.06
CA ASP A 347 20.38 8.68 -0.87
C ASP A 347 19.36 7.72 -0.26
N ASN A 348 19.70 6.43 -0.20
CA ASN A 348 18.72 5.42 0.24
C ASN A 348 18.73 5.18 1.76
N SER A 349 19.12 6.18 2.53
CA SER A 349 19.14 6.05 3.99
C SER A 349 17.72 5.91 4.55
N ILE A 350 17.59 5.13 5.62
CA ILE A 350 16.32 4.92 6.29
C ILE A 350 16.13 5.94 7.41
N VAL A 351 15.06 6.74 7.31
CA VAL A 351 14.71 7.73 8.35
C VAL A 351 13.37 7.30 8.93
N LYS A 352 13.23 7.39 10.26
CA LYS A 352 11.97 7.10 10.93
C LYS A 352 11.28 8.39 11.37
N PRO A 353 9.94 8.39 11.50
CA PRO A 353 8.93 7.34 11.27
C PRO A 353 8.99 6.75 9.87
N ASN A 354 8.57 5.50 9.72
CA ASN A 354 8.57 4.87 8.40
C ASN A 354 7.68 3.63 8.43
N TYR A 355 7.43 3.06 7.24
CA TYR A 355 6.71 1.80 7.05
C TYR A 355 7.72 0.70 6.76
N PHE A 356 7.51 -0.46 7.39
CA PHE A 356 8.46 -1.58 7.27
C PHE A 356 7.78 -2.89 6.93
N TYR A 357 8.50 -3.76 6.25
CA TYR A 357 8.07 -5.15 6.05
C TYR A 357 8.04 -5.84 7.39
N GLN A 358 7.21 -6.86 7.53
CA GLN A 358 7.29 -7.72 8.71
C GLN A 358 6.98 -9.16 8.29
N ASP A 359 7.38 -10.13 9.10
CA ASP A 359 7.18 -11.54 8.74
C ASP A 359 5.69 -11.89 8.57
N LYS A 360 5.36 -12.64 7.50
CA LYS A 360 4.00 -13.16 7.31
C LYS A 360 3.65 -14.13 8.43
N PRO A 361 2.39 -14.11 8.88
CA PRO A 361 1.94 -15.01 9.96
C PRO A 361 1.59 -16.41 9.49
N TYR A 362 1.62 -16.63 8.18
CA TYR A 362 1.30 -17.93 7.60
C TYR A 362 2.43 -18.30 6.65
N GLU A 363 2.38 -19.51 6.07
CA GLU A 363 3.44 -20.00 5.18
C GLU A 363 4.76 -20.28 5.92
CHA HEM B . 5.73 2.42 -2.89
CHB HEM B . 2.85 5.23 -5.65
CHC HEM B . 0.45 6.70 -1.67
CHD HEM B . 3.66 4.32 1.13
C1A HEM B . 5.04 2.99 -3.92
C2A HEM B . 5.22 2.56 -5.26
C3A HEM B . 4.42 3.35 -6.04
C4A HEM B . 3.72 4.25 -5.20
CMA HEM B . 4.30 3.22 -7.55
CAA HEM B . 6.14 1.46 -5.74
CBA HEM B . 5.52 0.12 -5.37
CGA HEM B . 5.56 -0.88 -6.51
O1A HEM B . 6.29 -0.64 -7.50
O2A HEM B . 4.86 -1.93 -6.44
C1B HEM B . 1.97 5.87 -4.78
C2B HEM B . 0.89 6.64 -5.24
C3B HEM B . 0.18 7.07 -4.16
C4B HEM B . 0.91 6.53 -2.98
CMB HEM B . 0.48 6.96 -6.67
CAB HEM B . -1.04 7.90 -4.26
CBB HEM B . -1.40 8.83 -3.36
C1C HEM B . 1.06 6.10 -0.57
C2C HEM B . 0.60 6.22 0.74
C3C HEM B . 1.51 5.56 1.58
C4C HEM B . 2.54 5.03 0.71
CMC HEM B . -0.68 6.93 1.09
CAC HEM B . 1.47 5.40 3.06
CBC HEM B . 0.84 6.25 3.90
C1D HEM B . 4.44 3.63 0.18
C2D HEM B . 5.43 2.63 0.67
C3D HEM B . 6.01 2.11 -0.43
C4D HEM B . 5.36 2.76 -1.59
CMD HEM B . 5.75 2.27 2.10
CAD HEM B . 7.10 1.03 -0.44
CBD HEM B . 6.50 -0.38 -0.23
CGD HEM B . 7.53 -1.50 -0.32
O1D HEM B . 7.17 -2.62 -0.75
O2D HEM B . 8.73 -1.37 0.05
NA HEM B . 4.12 4.05 -3.89
NB HEM B . 1.94 5.79 -3.44
NC HEM B . 2.23 5.41 -0.56
ND HEM B . 4.41 3.66 -1.19
FE HEM B . 3.37 4.88 -2.24
N1 H4B C . 10.56 -1.68 -8.29
C2 H4B C . 9.21 -1.80 -8.07
N2 H4B C . 8.44 -0.68 -8.19
N3 H4B C . 8.64 -2.98 -7.72
C4 H4B C . 9.36 -4.11 -7.60
O4 H4B C . 8.80 -5.18 -7.29
C4A H4B C . 10.84 -4.03 -7.82
C8A H4B C . 11.40 -2.72 -8.18
N5 H4B C . 11.69 -5.08 -7.72
N8 H4B C . 12.74 -2.60 -8.40
C6 H4B C . 13.14 -4.84 -7.55
C7 H4B C . 13.57 -3.79 -8.54
C9 H4B C . 13.91 -6.19 -7.55
O9 H4B C . 13.44 -6.97 -8.65
C10 H4B C . 15.46 -6.23 -7.57
C11 H4B C . 16.00 -7.16 -6.46
O10 H4B C . 16.13 -4.96 -7.46
CL CL D . -0.85 -3.88 -6.59
C01 JHT E . 3.63 -8.51 -5.56
N02 JHT E . 3.65 -8.74 -4.21
C03 JHT E . 3.04 -9.93 -3.66
C04 JHT E . 4.28 -7.75 -3.25
C05 JHT E . 4.61 -8.24 -1.91
C06 JHT E . 5.17 -7.44 -1.00
C07 JHT E . 5.43 -6.09 -1.35
C08 JHT E . 5.10 -5.59 -2.67
C09 JHT E . 5.38 -4.13 -2.96
N10 JHT E . 4.30 -3.32 -2.39
C11 JHT E . 4.17 -2.25 -3.31
C12 JHT E . 3.39 -1.03 -2.83
C13 JHT E . 3.34 -0.56 -1.52
C14 JHT E . 2.59 0.57 -1.23
C15 JHT E . 1.88 1.28 -2.33
C16 JHT E . 1.09 2.48 -2.12
C17 JHT E . 0.44 3.09 -3.21
C18 JHT E . 0.58 2.54 -4.47
N19 JHT E . -0.05 3.11 -5.65
N20 JHT E . 1.34 1.44 -4.65
C21 JHT E . 1.97 0.81 -3.58
C22 JHT E . 2.70 -0.35 -3.86
C23 JHT E . 4.53 -6.40 -3.60
C1 GOL F . 9.93 -1.25 3.22
O1 GOL F . 9.65 -0.21 2.27
C2 GOL F . 11.45 -1.44 3.32
O2 GOL F . 12.00 -0.31 4.02
C3 GOL F . 11.73 -2.77 4.04
O3 GOL F . 11.30 -2.76 5.43
#